data_7F4E
#
_entry.id   7F4E
#
_cell.length_a   42.150
_cell.length_b   68.402
_cell.length_c   94.511
_cell.angle_alpha   90.000
_cell.angle_beta   90.000
_cell.angle_gamma   90.000
#
_symmetry.space_group_name_H-M   'P 21 21 21'
#
loop_
_entity.id
_entity.type
_entity.pdbx_description
1 polymer 'NAD-dependent protein deacetylase HST2'
2 polymer 'Histone H3'
3 non-polymer 'ZINC ION'
4 water water
#
loop_
_entity_poly.entity_id
_entity_poly.type
_entity_poly.pdbx_seq_one_letter_code
_entity_poly.pdbx_strand_id
1 'polypeptide(L)'
;TEMSVRKIAAHMKSNPNAKVIFMVGAGISTSCGIPDFRSPGTGLYHNLARLKLPYPEAVFDVDFFQSDPLPFYTLAKELY
PGNFRPSKFHYLLKLFQDKDVLKRVYTQNIDTLERQAGVKDDLIIEAHGSFAHCHCIGCGKVYPPQVFKSKLAEHPIKDF
VKCDVCGELVKPAIVFFGEDLPDSFSETWLNDSEWLREKITTSGKHPQQPLVIVVGTSLAVYPFASLPEEIPRKVKRVLC
NLETVGDFKANKRPTDLIVHQYSDEFAEQLVEELGWQEDFEKILTAQ
;
A
2 'polypeptide(L)' QTAR(LBZ)STGGK C
#
loop_
_chem_comp.id
_chem_comp.type
_chem_comp.name
_chem_comp.formula
ZN non-polymer 'ZINC ION' 'Zn 2'
#
# COMPACT_ATOMS: atom_id res chain seq x y z
N THR A 1 10.51 -10.22 -17.58
CA THR A 1 9.81 -9.20 -18.35
C THR A 1 8.81 -9.82 -19.34
N GLU A 2 9.24 -10.05 -20.58
CA GLU A 2 8.32 -10.48 -21.63
C GLU A 2 7.66 -11.82 -21.27
N MET A 3 8.47 -12.86 -21.11
CA MET A 3 7.91 -14.21 -20.94
C MET A 3 7.03 -14.30 -19.70
N SER A 4 7.44 -13.68 -18.59
CA SER A 4 6.64 -13.78 -17.38
C SER A 4 5.34 -13.00 -17.50
N VAL A 5 5.33 -11.89 -18.25
CA VAL A 5 4.08 -11.19 -18.54
C VAL A 5 3.19 -12.05 -19.43
N ARG A 6 3.77 -12.72 -20.42
CA ARG A 6 3.00 -13.66 -21.22
C ARG A 6 2.41 -14.75 -20.35
N LYS A 7 3.18 -15.25 -19.37
CA LYS A 7 2.69 -16.32 -18.51
C LYS A 7 1.57 -15.84 -17.59
N ILE A 8 1.63 -14.60 -17.13
CA ILE A 8 0.52 -14.03 -16.37
C ILE A 8 -0.74 -13.97 -17.24
N ALA A 9 -0.61 -13.40 -18.44
CA ALA A 9 -1.74 -13.37 -19.36
C ALA A 9 -2.19 -14.78 -19.71
N ALA A 10 -1.24 -15.69 -19.92
CA ALA A 10 -1.57 -17.09 -20.18
C ALA A 10 -2.43 -17.66 -19.06
N HIS A 11 -2.07 -17.37 -17.81
CA HIS A 11 -2.85 -17.86 -16.69
C HIS A 11 -4.24 -17.25 -16.68
N MET A 12 -4.33 -15.94 -16.93
CA MET A 12 -5.61 -15.25 -16.86
C MET A 12 -6.53 -15.66 -18.00
N LYS A 13 -5.98 -15.86 -19.20
CA LYS A 13 -6.82 -16.25 -20.33
C LYS A 13 -7.28 -17.70 -20.22
N SER A 14 -6.51 -18.56 -19.55
CA SER A 14 -6.91 -19.95 -19.36
C SER A 14 -7.72 -20.17 -18.09
N ASN A 15 -7.79 -19.16 -17.21
CA ASN A 15 -8.64 -19.17 -16.04
C ASN A 15 -9.47 -17.89 -16.05
N PRO A 16 -10.39 -17.75 -17.01
CA PRO A 16 -10.99 -16.42 -17.24
C PRO A 16 -11.87 -15.95 -16.10
N ASN A 17 -12.47 -16.86 -15.35
CA ASN A 17 -13.35 -16.48 -14.26
C ASN A 17 -12.63 -16.36 -12.93
N ALA A 18 -11.33 -16.66 -12.89
CA ALA A 18 -10.58 -16.60 -11.66
C ALA A 18 -10.27 -15.16 -11.29
N LYS A 19 -10.14 -14.90 -9.99
CA LYS A 19 -9.88 -13.58 -9.48
C LYS A 19 -8.46 -13.48 -8.96
N VAL A 20 -8.02 -12.23 -8.79
CA VAL A 20 -6.63 -11.91 -8.48
C VAL A 20 -6.59 -11.10 -7.19
N ILE A 21 -5.68 -11.46 -6.30
CA ILE A 21 -5.36 -10.63 -5.15
C ILE A 21 -4.06 -9.90 -5.43
N PHE A 22 -4.06 -8.58 -5.21
CA PHE A 22 -2.86 -7.77 -5.30
C PHE A 22 -2.37 -7.43 -3.90
N MET A 23 -1.05 -7.40 -3.74
CA MET A 23 -0.40 -6.90 -2.53
C MET A 23 0.64 -5.88 -2.95
N VAL A 24 0.47 -4.62 -2.53
CA VAL A 24 1.25 -3.55 -3.14
C VAL A 24 1.91 -2.70 -2.06
N GLY A 25 3.01 -2.05 -2.44
CA GLY A 25 3.71 -1.12 -1.56
C GLY A 25 4.08 0.18 -2.24
N ALA A 26 5.09 0.86 -1.69
CA ALA A 26 5.36 2.23 -2.07
C ALA A 26 5.81 2.38 -3.52
N GLY A 27 6.34 1.32 -4.12
CA GLY A 27 6.78 1.39 -5.51
C GLY A 27 5.69 1.74 -6.49
N ILE A 28 4.43 1.40 -6.21
CA ILE A 28 3.37 1.71 -7.17
C ILE A 28 2.94 3.16 -7.15
N SER A 29 3.45 3.98 -6.22
CA SER A 29 3.13 5.39 -6.20
C SER A 29 4.32 6.30 -6.46
N THR A 30 5.51 5.74 -6.71
CA THR A 30 6.67 6.59 -6.97
C THR A 30 6.49 7.44 -8.22
N SER A 31 5.90 6.86 -9.27
CA SER A 31 5.67 7.61 -10.51
C SER A 31 4.69 8.75 -10.31
N CYS A 32 3.85 8.69 -9.27
CA CYS A 32 2.93 9.77 -8.94
C CYS A 32 3.62 10.97 -8.32
N GLY A 33 4.90 10.84 -7.96
CA GLY A 33 5.59 11.87 -7.21
C GLY A 33 5.64 11.65 -5.72
N ILE A 34 5.37 10.44 -5.25
CA ILE A 34 5.53 10.08 -3.84
C ILE A 34 6.74 9.17 -3.72
N PRO A 35 7.87 9.68 -3.22
CA PRO A 35 9.06 8.83 -3.07
C PRO A 35 8.93 7.90 -1.88
N ASP A 36 9.74 6.83 -1.91
CA ASP A 36 9.84 5.96 -0.76
C ASP A 36 10.62 6.73 0.32
N PHE A 37 9.99 6.92 1.49
CA PHE A 37 10.27 8.07 2.35
C PHE A 37 11.65 8.07 3.01
N ARG A 38 12.40 6.97 2.98
CA ARG A 38 13.68 6.96 3.69
C ARG A 38 14.75 7.83 3.03
N SER A 39 14.61 8.13 1.74
CA SER A 39 15.57 8.96 1.03
C SER A 39 14.96 10.30 0.70
N PRO A 40 15.31 11.38 1.40
CA PRO A 40 14.69 12.68 1.15
C PRO A 40 15.35 13.47 0.02
N GLY A 41 14.86 14.67 -0.23
CA GLY A 41 15.45 15.55 -1.21
C GLY A 41 14.38 16.35 -1.92
N THR A 42 14.76 16.83 -3.11
CA THR A 42 13.85 17.62 -3.92
C THR A 42 12.55 16.86 -4.17
N GLY A 43 11.44 17.56 -4.02
CA GLY A 43 10.13 16.97 -4.23
C GLY A 43 9.29 16.99 -2.96
N LEU A 44 8.45 15.97 -2.83
CA LEU A 44 7.46 15.89 -1.76
C LEU A 44 8.10 16.12 -0.38
N TYR A 45 9.17 15.39 -0.09
CA TYR A 45 9.77 15.35 1.23
C TYR A 45 10.80 16.47 1.44
N HIS A 46 10.81 17.48 0.58
CA HIS A 46 11.79 18.56 0.64
C HIS A 46 11.86 19.22 2.02
N ASN A 47 10.73 19.73 2.48
CA ASN A 47 10.72 20.47 3.74
C ASN A 47 10.74 19.57 4.95
N LEU A 48 10.52 18.27 4.77
CA LEU A 48 10.88 17.30 5.82
C LEU A 48 12.40 17.16 5.92
N ALA A 49 13.10 17.27 4.78
CA ALA A 49 14.54 17.01 4.77
C ALA A 49 15.33 18.08 5.53
N ARG A 50 14.79 19.29 5.65
CA ARG A 50 15.55 20.38 6.27
C ARG A 50 15.79 20.08 7.75
N LEU A 51 14.74 20.17 8.56
CA LEU A 51 14.83 19.74 9.95
C LEU A 51 14.57 18.24 9.95
N LYS A 52 15.67 17.50 9.83
CA LYS A 52 15.60 16.03 9.66
C LYS A 52 16.04 15.23 10.89
N LEU A 53 15.32 14.12 11.01
CA LEU A 53 15.23 13.06 12.02
C LEU A 53 16.53 12.32 12.26
N PRO A 54 16.63 11.70 13.44
CA PRO A 54 17.78 10.93 13.82
C PRO A 54 17.88 9.59 13.07
N TYR A 55 16.81 9.13 12.44
CA TYR A 55 16.80 7.85 11.67
C TYR A 55 15.75 7.95 10.56
N PRO A 56 15.97 7.31 9.40
CA PRO A 56 15.02 7.42 8.27
C PRO A 56 13.53 7.13 8.53
N GLU A 57 13.25 6.15 9.41
CA GLU A 57 11.88 5.73 9.73
C GLU A 57 11.34 6.55 10.90
N ALA A 58 12.12 7.51 11.41
CA ALA A 58 11.65 8.34 12.55
C ALA A 58 10.30 9.02 12.26
N VAL A 59 10.07 9.48 11.04
CA VAL A 59 8.81 10.20 10.73
C VAL A 59 7.57 9.31 10.92
N PHE A 60 7.67 8.00 10.79
CA PHE A 60 6.55 7.07 10.95
C PHE A 60 6.82 6.14 12.13
N ASP A 61 7.63 6.62 13.08
CA ASP A 61 7.94 5.86 14.31
C ASP A 61 7.18 6.55 15.45
N VAL A 62 6.38 5.79 16.18
CA VAL A 62 5.53 6.40 17.25
C VAL A 62 6.38 6.95 18.40
N ASP A 63 7.53 6.35 18.63
CA ASP A 63 8.40 6.84 19.71
C ASP A 63 8.95 8.20 19.30
N PHE A 64 9.38 8.33 18.05
CA PHE A 64 9.92 9.63 17.62
C PHE A 64 8.80 10.67 17.59
N PHE A 65 7.64 10.26 17.11
CA PHE A 65 6.48 11.17 17.07
C PHE A 65 6.24 11.78 18.46
N GLN A 66 6.21 10.91 19.46
CA GLN A 66 6.10 11.34 20.85
C GLN A 66 7.13 12.40 21.20
N SER A 67 8.37 12.21 20.76
CA SER A 67 9.44 13.13 21.14
C SER A 67 9.39 14.42 20.35
N ASP A 68 8.75 14.42 19.16
CA ASP A 68 8.74 15.59 18.27
C ASP A 68 7.72 15.40 17.15
N PRO A 69 6.50 15.93 17.29
CA PRO A 69 5.47 15.69 16.27
C PRO A 69 5.61 16.51 14.99
N LEU A 70 6.43 17.55 14.98
CA LEU A 70 6.47 18.44 13.81
C LEU A 70 6.89 17.74 12.52
N PRO A 71 7.94 16.90 12.50
CA PRO A 71 8.27 16.23 11.22
C PRO A 71 7.13 15.45 10.61
N PHE A 72 6.35 14.69 11.40
CA PHE A 72 5.23 13.97 10.80
C PHE A 72 4.15 14.93 10.32
N TYR A 73 3.83 15.95 11.13
CA TYR A 73 2.84 16.94 10.69
C TYR A 73 3.21 17.50 9.33
N THR A 74 4.49 17.84 9.15
CA THR A 74 4.96 18.39 7.89
C THR A 74 4.81 17.39 6.76
N LEU A 75 5.10 16.13 7.04
CA LEU A 75 4.93 15.12 6.01
C LEU A 75 3.46 14.92 5.67
N ALA A 76 2.58 14.91 6.67
CA ALA A 76 1.18 14.58 6.42
C ALA A 76 0.51 15.61 5.53
N LYS A 77 0.86 16.88 5.68
CA LYS A 77 0.38 17.96 4.82
C LYS A 77 0.47 17.59 3.34
N GLU A 78 1.58 16.97 2.94
CA GLU A 78 1.78 16.58 1.55
C GLU A 78 1.03 15.32 1.16
N LEU A 79 0.58 14.51 2.13
CA LEU A 79 0.07 13.18 1.81
C LEU A 79 -1.45 13.08 1.86
N TYR A 80 -2.16 14.12 2.28
CA TYR A 80 -3.62 14.04 2.27
C TYR A 80 -4.11 13.80 0.85
N PRO A 81 -5.13 12.96 0.69
CA PRO A 81 -5.68 12.71 -0.65
C PRO A 81 -6.10 14.00 -1.33
N GLY A 82 -6.02 14.00 -2.65
CA GLY A 82 -6.27 15.18 -3.44
C GLY A 82 -5.02 15.87 -3.98
N ASN A 83 -3.85 15.57 -3.41
CA ASN A 83 -2.63 16.17 -3.95
C ASN A 83 -2.16 15.49 -5.23
N PHE A 84 -2.37 14.17 -5.34
CA PHE A 84 -1.80 13.38 -6.42
C PHE A 84 -2.88 12.75 -7.28
N ARG A 85 -2.48 12.42 -8.50
CA ARG A 85 -3.20 11.64 -9.50
C ARG A 85 -2.75 10.18 -9.42
N PRO A 86 -3.67 9.21 -9.40
CA PRO A 86 -3.26 7.81 -9.42
C PRO A 86 -2.44 7.50 -10.67
N SER A 87 -1.57 6.49 -10.54
CA SER A 87 -0.70 6.04 -11.61
C SER A 87 -1.45 5.09 -12.54
N LYS A 88 -0.84 4.83 -13.70
CA LYS A 88 -1.36 3.81 -14.59
C LYS A 88 -1.59 2.50 -13.86
N PHE A 89 -0.68 2.13 -12.96
CA PHE A 89 -0.87 0.88 -12.24
C PHE A 89 -2.10 0.94 -11.34
N HIS A 90 -2.31 2.06 -10.65
CA HIS A 90 -3.51 2.19 -9.83
C HIS A 90 -4.77 1.98 -10.68
N TYR A 91 -4.77 2.53 -11.90
CA TYR A 91 -5.93 2.36 -12.77
C TYR A 91 -6.04 0.95 -13.31
N LEU A 92 -4.94 0.19 -13.39
CA LEU A 92 -5.04 -1.22 -13.71
C LEU A 92 -5.89 -1.96 -12.68
N LEU A 93 -5.76 -1.60 -11.40
CA LEU A 93 -6.61 -2.22 -10.39
C LEU A 93 -8.09 -1.94 -10.67
N LYS A 94 -8.40 -0.71 -11.09
CA LYS A 94 -9.78 -0.38 -11.45
C LYS A 94 -10.23 -1.17 -12.67
N LEU A 95 -9.33 -1.39 -13.63
CA LEU A 95 -9.69 -2.18 -14.80
C LEU A 95 -9.97 -3.63 -14.42
N PHE A 96 -9.16 -4.21 -13.52
CA PHE A 96 -9.43 -5.57 -13.05
C PHE A 96 -10.79 -5.65 -12.36
N GLN A 97 -11.14 -4.62 -11.59
CA GLN A 97 -12.45 -4.58 -10.94
C GLN A 97 -13.56 -4.51 -11.98
N ASP A 98 -13.43 -3.62 -12.96
CA ASP A 98 -14.41 -3.53 -14.05
C ASP A 98 -14.61 -4.88 -14.73
N LYS A 99 -13.56 -5.66 -14.87
CA LYS A 99 -13.61 -6.96 -15.51
C LYS A 99 -14.02 -8.08 -14.56
N ASP A 100 -14.28 -7.75 -13.28
CA ASP A 100 -14.73 -8.71 -12.27
C ASP A 100 -13.68 -9.76 -11.95
N VAL A 101 -12.40 -9.40 -12.02
CA VAL A 101 -11.33 -10.33 -11.67
C VAL A 101 -10.45 -9.78 -10.55
N LEU A 102 -10.96 -8.84 -9.75
CA LEU A 102 -10.23 -8.30 -8.60
C LEU A 102 -10.86 -8.87 -7.34
N LYS A 103 -10.12 -9.73 -6.64
CA LYS A 103 -10.60 -10.25 -5.36
C LYS A 103 -10.33 -9.25 -4.23
N ARG A 104 -9.14 -8.67 -4.20
CA ARG A 104 -8.72 -7.77 -3.14
C ARG A 104 -7.42 -7.10 -3.56
N VAL A 105 -7.22 -5.86 -3.09
CA VAL A 105 -5.90 -5.24 -3.07
C VAL A 105 -5.54 -4.94 -1.63
N TYR A 106 -4.47 -5.55 -1.14
CA TYR A 106 -3.87 -5.23 0.14
C TYR A 106 -2.78 -4.19 -0.12
N THR A 107 -2.89 -3.03 0.51
CA THR A 107 -1.93 -1.96 0.29
C THR A 107 -1.26 -1.53 1.58
N GLN A 108 0.06 -1.36 1.51
CA GLN A 108 0.87 -0.77 2.57
C GLN A 108 0.92 0.74 2.49
N ASN A 109 0.32 1.33 1.46
CA ASN A 109 0.43 2.76 1.24
C ASN A 109 -0.68 3.49 1.97
N ILE A 110 -0.42 4.75 2.32
CA ILE A 110 -1.41 5.61 2.95
C ILE A 110 -1.88 6.72 2.02
N ASP A 111 -1.51 6.66 0.75
CA ASP A 111 -1.90 7.70 -0.18
C ASP A 111 -3.31 7.53 -0.70
N THR A 112 -3.95 6.40 -0.39
CA THR A 112 -5.32 6.07 -0.82
C THR A 112 -5.54 6.27 -2.32
N LEU A 113 -4.50 6.06 -3.12
CA LEU A 113 -4.67 6.20 -4.56
C LEU A 113 -5.38 5.02 -5.20
N GLU A 114 -5.44 3.86 -4.54
CA GLU A 114 -6.32 2.80 -5.02
C GLU A 114 -7.77 3.27 -5.01
N ARG A 115 -8.23 3.78 -3.86
CA ARG A 115 -9.56 4.36 -3.75
C ARG A 115 -9.76 5.48 -4.78
N GLN A 116 -8.76 6.35 -4.93
CA GLN A 116 -8.91 7.50 -5.80
C GLN A 116 -8.94 7.10 -7.27
N ALA A 117 -8.36 5.95 -7.62
CA ALA A 117 -8.49 5.40 -8.96
C ALA A 117 -9.85 4.76 -9.20
N GLY A 118 -10.67 4.63 -8.17
CA GLY A 118 -12.00 4.08 -8.31
C GLY A 118 -12.19 2.66 -7.84
N VAL A 119 -11.21 2.07 -7.14
CA VAL A 119 -11.43 0.74 -6.59
C VAL A 119 -12.41 0.84 -5.43
N LYS A 120 -13.38 -0.08 -5.41
CA LYS A 120 -14.42 -0.06 -4.39
C LYS A 120 -13.86 -0.34 -3.00
N ASP A 121 -14.49 0.28 -1.99
CA ASP A 121 -14.04 0.14 -0.61
C ASP A 121 -13.98 -1.32 -0.18
N ASP A 122 -14.95 -2.12 -0.62
CA ASP A 122 -14.99 -3.53 -0.28
C ASP A 122 -13.74 -4.28 -0.69
N LEU A 123 -13.09 -3.86 -1.76
CA LEU A 123 -11.97 -4.60 -2.33
C LEU A 123 -10.61 -4.08 -1.88
N ILE A 124 -10.58 -3.06 -1.03
CA ILE A 124 -9.33 -2.45 -0.57
C ILE A 124 -9.13 -2.80 0.89
N ILE A 125 -7.93 -3.28 1.22
CA ILE A 125 -7.50 -3.43 2.61
C ILE A 125 -6.33 -2.49 2.80
N GLU A 126 -6.53 -1.42 3.57
CA GLU A 126 -5.50 -0.44 3.83
C GLU A 126 -4.77 -0.91 5.09
N ALA A 127 -3.74 -1.73 4.88
CA ALA A 127 -3.12 -2.47 5.99
C ALA A 127 -2.42 -1.54 6.97
N HIS A 128 -1.93 -0.38 6.51
CA HIS A 128 -1.27 0.57 7.37
C HIS A 128 -2.14 1.79 7.65
N GLY A 129 -3.47 1.60 7.69
CA GLY A 129 -4.36 2.67 8.06
C GLY A 129 -4.52 3.72 6.97
N SER A 130 -5.05 4.87 7.36
CA SER A 130 -5.37 5.96 6.44
C SER A 130 -5.69 7.20 7.26
N PHE A 131 -6.02 8.28 6.54
CA PHE A 131 -6.42 9.53 7.16
C PHE A 131 -7.91 9.59 7.45
N ALA A 132 -8.63 8.47 7.33
CA ALA A 132 -10.09 8.50 7.45
C ALA A 132 -10.54 8.94 8.84
N HIS A 133 -9.71 8.72 9.87
CA HIS A 133 -10.00 9.26 11.19
C HIS A 133 -8.70 9.42 11.95
N CYS A 134 -8.80 9.95 13.16
CA CYS A 134 -7.69 10.19 14.05
C CYS A 134 -7.87 9.38 15.33
N HIS A 135 -6.77 9.23 16.07
CA HIS A 135 -6.83 8.48 17.32
C HIS A 135 -5.80 9.04 18.29
N CYS A 136 -6.10 8.90 19.58
CA CYS A 136 -5.12 9.18 20.62
C CYS A 136 -4.11 8.04 20.69
N ILE A 137 -2.81 8.38 20.65
CA ILE A 137 -1.80 7.35 20.79
C ILE A 137 -1.71 6.82 22.21
N GLY A 138 -2.42 7.44 23.16
CA GLY A 138 -2.53 6.91 24.50
C GLY A 138 -3.85 6.19 24.73
N CYS A 139 -4.95 6.95 24.69
CA CYS A 139 -6.27 6.36 24.96
C CYS A 139 -6.68 5.35 23.89
N GLY A 140 -6.29 5.59 22.64
CA GLY A 140 -6.97 4.95 21.54
C GLY A 140 -8.31 5.57 21.18
N LYS A 141 -8.77 6.58 21.94
CA LYS A 141 -9.99 7.29 21.59
C LYS A 141 -9.94 7.80 20.16
N VAL A 142 -11.06 7.64 19.43
CA VAL A 142 -11.16 8.01 18.03
C VAL A 142 -11.71 9.43 17.90
N TYR A 143 -11.19 10.18 16.92
CA TYR A 143 -11.57 11.55 16.62
C TYR A 143 -11.81 11.71 15.13
N PRO A 144 -12.64 12.68 14.74
CA PRO A 144 -12.77 12.98 13.31
C PRO A 144 -11.47 13.48 12.75
N PRO A 145 -11.20 13.26 11.46
CA PRO A 145 -9.93 13.72 10.89
C PRO A 145 -9.77 15.22 10.84
N GLN A 146 -10.86 15.99 10.87
CA GLN A 146 -10.75 17.44 10.73
C GLN A 146 -9.97 18.06 11.88
N VAL A 147 -9.97 17.43 13.06
CA VAL A 147 -9.26 18.00 14.20
C VAL A 147 -7.79 18.20 13.86
N PHE A 148 -7.24 17.30 13.05
CA PHE A 148 -5.85 17.27 12.65
C PHE A 148 -5.62 18.02 11.35
N LYS A 149 -6.47 17.77 10.35
CA LYS A 149 -6.32 18.41 9.05
C LYS A 149 -6.31 19.93 9.16
N SER A 150 -7.06 20.49 10.11
CA SER A 150 -7.11 21.94 10.24
C SER A 150 -5.79 22.51 10.75
N LYS A 151 -5.14 21.82 11.69
CA LYS A 151 -3.81 22.25 12.13
C LYS A 151 -2.79 22.23 11.01
N LEU A 152 -2.97 21.35 10.02
CA LEU A 152 -1.96 21.24 8.97
C LEU A 152 -1.88 22.49 8.11
N ALA A 153 -2.92 23.31 8.08
CA ALA A 153 -2.95 24.49 7.23
C ALA A 153 -2.34 25.72 7.88
N GLU A 154 -1.96 25.64 9.14
CA GLU A 154 -1.53 26.82 9.89
C GLU A 154 -0.07 27.12 9.62
N HIS A 155 0.24 28.42 9.57
CA HIS A 155 1.61 28.88 9.39
C HIS A 155 2.07 29.67 10.60
N PRO A 156 2.99 29.13 11.40
CA PRO A 156 3.52 27.77 11.19
C PRO A 156 2.68 26.70 11.88
N ILE A 157 3.10 25.44 11.81
CA ILE A 157 2.40 24.36 12.51
C ILE A 157 2.96 24.27 13.92
N LYS A 158 2.11 24.58 14.90
CA LYS A 158 2.48 24.58 16.30
C LYS A 158 1.24 24.25 17.13
N ASP A 159 1.45 23.93 18.40
CA ASP A 159 0.40 23.48 19.33
C ASP A 159 -0.38 22.31 18.73
N PHE A 160 0.28 21.15 18.78
CA PHE A 160 -0.24 19.93 18.16
C PHE A 160 -1.45 19.39 18.92
N VAL A 161 -2.37 18.76 18.17
CA VAL A 161 -3.63 18.29 18.73
C VAL A 161 -3.40 17.26 19.83
N LYS A 162 -4.15 17.39 20.93
CA LYS A 162 -4.01 16.49 22.06
C LYS A 162 -5.37 15.96 22.49
N CYS A 163 -5.33 14.78 23.13
CA CYS A 163 -6.53 14.06 23.51
C CYS A 163 -7.29 14.80 24.60
N ASP A 164 -8.60 14.94 24.43
CA ASP A 164 -9.41 15.66 25.42
C ASP A 164 -9.79 14.78 26.61
N VAL A 165 -9.26 13.56 26.70
CA VAL A 165 -9.43 12.69 27.86
C VAL A 165 -8.13 12.59 28.67
N CYS A 166 -7.05 12.17 28.01
CA CYS A 166 -5.79 11.87 28.68
C CYS A 166 -4.65 12.81 28.28
N GLY A 167 -4.86 13.70 27.31
CA GLY A 167 -3.89 14.71 26.98
C GLY A 167 -2.72 14.25 26.13
N GLU A 168 -2.69 12.99 25.71
CA GLU A 168 -1.62 12.55 24.82
C GLU A 168 -1.92 13.00 23.38
N LEU A 169 -0.95 12.79 22.50
CA LEU A 169 -1.06 13.30 21.15
C LEU A 169 -2.09 12.52 20.34
N VAL A 170 -2.81 13.24 19.49
CA VAL A 170 -3.76 12.67 18.54
C VAL A 170 -3.15 12.78 17.15
N LYS A 171 -3.37 11.76 16.33
CA LYS A 171 -2.82 11.76 14.98
C LYS A 171 -3.74 10.95 14.09
N PRO A 172 -3.59 11.05 12.77
CA PRO A 172 -4.32 10.16 11.86
C PRO A 172 -4.08 8.68 12.20
N ALA A 173 -5.10 7.87 11.92
CA ALA A 173 -5.02 6.43 12.18
C ALA A 173 -4.21 5.71 11.12
N ILE A 174 -3.03 6.23 10.85
CA ILE A 174 -2.00 5.56 10.08
C ILE A 174 -1.17 4.73 11.04
N VAL A 175 -0.76 3.54 10.60
CA VAL A 175 -0.02 2.63 11.47
C VAL A 175 1.45 3.03 11.44
N PHE A 176 1.92 3.62 12.54
CA PHE A 176 3.32 3.91 12.70
C PHE A 176 4.07 2.65 13.12
N PHE A 177 5.37 2.62 12.85
CA PHE A 177 6.20 1.59 13.46
C PHE A 177 6.00 1.66 14.97
N GLY A 178 5.70 0.50 15.58
CA GLY A 178 5.40 0.43 16.98
C GLY A 178 3.92 0.34 17.34
N GLU A 179 3.04 0.42 16.35
CA GLU A 179 1.60 0.41 16.58
C GLU A 179 0.95 -0.84 15.98
N ASP A 180 -0.26 -1.14 16.45
CA ASP A 180 -1.02 -2.27 15.96
C ASP A 180 -1.69 -1.95 14.62
N LEU A 181 -1.81 -2.96 13.78
CA LEU A 181 -2.51 -2.80 12.52
C LEU A 181 -4.01 -2.92 12.73
N PRO A 182 -4.82 -2.35 11.84
CA PRO A 182 -6.28 -2.44 12.01
C PRO A 182 -6.76 -3.89 11.97
N ASP A 183 -7.80 -4.17 12.76
CA ASP A 183 -8.36 -5.51 12.83
C ASP A 183 -8.78 -6.02 11.46
N SER A 184 -9.24 -5.13 10.58
CA SER A 184 -9.72 -5.57 9.27
C SER A 184 -8.63 -6.24 8.45
N PHE A 185 -7.36 -5.90 8.69
CA PHE A 185 -6.27 -6.50 7.93
C PHE A 185 -6.17 -8.00 8.20
N SER A 186 -5.97 -8.37 9.46
CA SER A 186 -5.84 -9.79 9.80
C SER A 186 -7.13 -10.55 9.52
N GLU A 187 -8.29 -9.93 9.77
CA GLU A 187 -9.56 -10.62 9.60
C GLU A 187 -9.84 -10.91 8.12
N THR A 188 -9.59 -9.94 7.25
CA THR A 188 -9.83 -10.15 5.83
C THR A 188 -8.80 -11.10 5.23
N TRP A 189 -7.54 -11.02 5.67
CA TRP A 189 -6.56 -11.97 5.15
C TRP A 189 -6.90 -13.39 5.60
N LEU A 190 -7.46 -13.53 6.79
CA LEU A 190 -7.83 -14.87 7.25
C LEU A 190 -8.89 -15.45 6.34
N ASN A 191 -9.85 -14.62 5.92
CA ASN A 191 -10.91 -15.05 5.00
C ASN A 191 -10.38 -15.28 3.60
N ASP A 192 -9.56 -14.36 3.09
CA ASP A 192 -9.02 -14.55 1.74
C ASP A 192 -8.05 -15.73 1.69
N SER A 193 -7.36 -16.01 2.80
CA SER A 193 -6.50 -17.19 2.86
C SER A 193 -7.31 -18.46 2.73
N GLU A 194 -8.46 -18.53 3.40
CA GLU A 194 -9.30 -19.71 3.24
C GLU A 194 -9.81 -19.82 1.82
N TRP A 195 -10.15 -18.69 1.21
CA TRP A 195 -10.60 -18.68 -0.19
C TRP A 195 -9.51 -19.15 -1.13
N LEU A 196 -8.25 -18.77 -0.85
CA LEU A 196 -7.13 -19.25 -1.65
C LEU A 196 -6.95 -20.76 -1.54
N ARG A 197 -7.32 -21.35 -0.39
CA ARG A 197 -7.28 -22.79 -0.20
C ARG A 197 -8.45 -23.54 -0.83
N GLU A 198 -9.47 -22.84 -1.32
CA GLU A 198 -10.59 -23.52 -1.99
C GLU A 198 -10.37 -23.57 -3.49
N PRO A 207 -12.12 -25.89 -11.95
CA PRO A 207 -10.74 -25.64 -11.53
C PRO A 207 -10.18 -24.31 -12.03
N GLN A 208 -10.85 -23.21 -11.67
CA GLN A 208 -10.39 -21.87 -12.02
C GLN A 208 -9.38 -21.43 -10.96
N GLN A 209 -8.11 -21.32 -11.35
CA GLN A 209 -7.02 -21.08 -10.41
C GLN A 209 -6.90 -19.59 -10.08
N PRO A 210 -6.97 -19.19 -8.81
CA PRO A 210 -6.71 -17.77 -8.48
C PRO A 210 -5.26 -17.41 -8.70
N LEU A 211 -4.91 -16.15 -8.45
CA LEU A 211 -3.57 -15.66 -8.70
C LEU A 211 -3.30 -14.57 -7.68
N VAL A 212 -2.07 -14.50 -7.16
CA VAL A 212 -1.66 -13.42 -6.27
C VAL A 212 -0.50 -12.66 -6.90
N ILE A 213 -0.63 -11.34 -7.02
CA ILE A 213 0.37 -10.51 -7.67
C ILE A 213 0.88 -9.48 -6.66
N VAL A 214 2.16 -9.57 -6.34
CA VAL A 214 2.81 -8.67 -5.38
C VAL A 214 3.60 -7.64 -6.18
N VAL A 215 3.39 -6.35 -5.90
CA VAL A 215 3.90 -5.29 -6.77
C VAL A 215 4.50 -4.16 -5.94
N GLY A 216 5.74 -3.77 -6.26
CA GLY A 216 6.31 -2.52 -5.80
C GLY A 216 6.49 -2.43 -4.29
N THR A 217 7.07 -3.47 -3.70
CA THR A 217 7.29 -3.48 -2.26
C THR A 217 8.56 -4.25 -1.98
N SER A 218 9.31 -3.79 -0.97
CA SER A 218 10.54 -4.47 -0.59
C SER A 218 10.27 -5.67 0.33
N LEU A 219 9.03 -5.87 0.77
CA LEU A 219 8.68 -6.95 1.69
C LEU A 219 9.59 -6.95 2.92
N ALA A 220 9.90 -5.74 3.41
CA ALA A 220 10.76 -5.56 4.57
C ALA A 220 9.99 -5.11 5.79
N VAL A 221 8.68 -4.90 5.68
CA VAL A 221 7.88 -4.36 6.77
C VAL A 221 6.87 -5.43 7.20
N TYR A 222 6.88 -5.76 8.47
CA TYR A 222 6.06 -6.80 9.01
C TYR A 222 4.92 -6.20 9.84
N PRO A 223 3.79 -6.93 10.00
CA PRO A 223 3.52 -8.27 9.48
C PRO A 223 3.10 -8.36 8.01
N PHE A 224 2.97 -7.24 7.31
CA PHE A 224 2.55 -7.31 5.91
C PHE A 224 3.43 -8.25 5.09
N ALA A 225 4.74 -8.22 5.33
CA ALA A 225 5.66 -9.05 4.56
C ALA A 225 5.47 -10.54 4.82
N SER A 226 4.66 -10.92 5.81
CA SER A 226 4.36 -12.33 6.01
C SER A 226 3.37 -12.86 4.99
N LEU A 227 2.61 -11.99 4.31
CA LEU A 227 1.55 -12.47 3.44
C LEU A 227 2.05 -13.34 2.28
N PRO A 228 3.14 -13.01 1.57
CA PRO A 228 3.54 -13.88 0.45
C PRO A 228 3.87 -15.30 0.83
N GLU A 229 4.56 -15.53 1.94
CA GLU A 229 4.84 -16.92 2.32
C GLU A 229 3.59 -17.66 2.77
N GLU A 230 2.53 -16.93 3.11
CA GLU A 230 1.27 -17.55 3.50
C GLU A 230 0.36 -17.87 2.32
N ILE A 231 0.73 -17.45 1.11
CA ILE A 231 0.02 -17.90 -0.08
C ILE A 231 0.22 -19.40 -0.22
N PRO A 232 -0.83 -20.20 -0.44
CA PRO A 232 -0.65 -21.64 -0.59
C PRO A 232 0.32 -21.97 -1.73
N ARG A 233 1.05 -23.07 -1.55
CA ARG A 233 2.00 -23.47 -2.60
C ARG A 233 1.28 -23.82 -3.88
N LYS A 234 0.01 -24.23 -3.81
CA LYS A 234 -0.74 -24.58 -5.02
C LYS A 234 -1.25 -23.36 -5.78
N VAL A 235 -1.10 -22.15 -5.25
CA VAL A 235 -1.54 -20.92 -5.91
C VAL A 235 -0.34 -20.17 -6.47
N LYS A 236 -0.39 -19.83 -7.76
CA LYS A 236 0.73 -19.14 -8.40
C LYS A 236 0.91 -17.75 -7.81
N ARG A 237 2.17 -17.40 -7.52
CA ARG A 237 2.54 -16.08 -7.04
C ARG A 237 3.31 -15.34 -8.13
N VAL A 238 3.08 -14.03 -8.19
CA VAL A 238 3.82 -13.14 -9.09
C VAL A 238 4.44 -12.05 -8.24
N LEU A 239 5.70 -11.73 -8.53
CA LEU A 239 6.35 -10.55 -7.97
C LEU A 239 6.72 -9.62 -9.11
N CYS A 240 6.17 -8.42 -9.10
CA CYS A 240 6.60 -7.35 -10.00
C CYS A 240 7.32 -6.33 -9.14
N ASN A 241 8.65 -6.31 -9.25
CA ASN A 241 9.45 -5.43 -8.40
C ASN A 241 10.80 -5.26 -9.06
N LEU A 242 11.48 -4.16 -8.73
CA LEU A 242 12.78 -3.91 -9.35
C LEU A 242 13.78 -5.01 -9.02
N GLU A 243 13.68 -5.61 -7.83
CA GLU A 243 14.56 -6.67 -7.41
C GLU A 243 13.74 -7.78 -6.77
N THR A 244 14.26 -9.00 -6.83
CA THR A 244 13.60 -10.11 -6.15
C THR A 244 13.81 -9.97 -4.65
N VAL A 245 12.70 -9.97 -3.89
CA VAL A 245 12.74 -9.64 -2.47
C VAL A 245 11.87 -10.59 -1.67
N GLY A 246 12.06 -10.56 -0.35
CA GLY A 246 11.18 -11.25 0.56
C GLY A 246 11.22 -12.76 0.35
N ASP A 247 10.05 -13.38 0.50
CA ASP A 247 9.96 -14.83 0.36
C ASP A 247 10.29 -15.31 -1.05
N PHE A 248 10.14 -14.44 -2.05
CA PHE A 248 10.54 -14.81 -3.41
C PHE A 248 12.04 -15.02 -3.52
N LYS A 249 12.82 -14.34 -2.68
CA LYS A 249 14.26 -14.49 -2.61
C LYS A 249 14.66 -15.63 -1.69
N ALA A 250 14.14 -15.64 -0.46
CA ALA A 250 14.57 -16.59 0.55
C ALA A 250 14.05 -18.00 0.28
N ASN A 251 12.90 -18.11 -0.39
CA ASN A 251 12.28 -19.43 -0.53
C ASN A 251 11.54 -19.54 -1.87
N LYS A 252 12.28 -19.34 -2.97
CA LYS A 252 11.73 -19.47 -4.32
C LYS A 252 10.94 -20.76 -4.48
N ARG A 253 9.75 -20.63 -5.07
CA ARG A 253 8.98 -21.80 -5.46
C ARG A 253 9.04 -21.98 -6.97
N PRO A 254 9.01 -23.22 -7.46
CA PRO A 254 9.16 -23.45 -8.91
C PRO A 254 8.17 -22.68 -9.77
N THR A 255 6.96 -22.42 -9.30
CA THR A 255 5.96 -21.75 -10.12
C THR A 255 5.99 -20.23 -9.98
N ASP A 256 6.83 -19.70 -9.10
CA ASP A 256 6.91 -18.26 -8.94
C ASP A 256 7.22 -17.60 -10.27
N LEU A 257 6.55 -16.48 -10.54
CA LEU A 257 6.82 -15.66 -11.72
C LEU A 257 7.40 -14.33 -11.25
N ILE A 258 8.58 -13.97 -11.78
CA ILE A 258 9.25 -12.73 -11.41
C ILE A 258 9.21 -11.78 -12.60
N VAL A 259 8.85 -10.53 -12.34
CA VAL A 259 8.79 -9.49 -13.36
C VAL A 259 9.61 -8.33 -12.84
N HIS A 260 10.81 -8.13 -13.40
CA HIS A 260 11.66 -7.01 -12.97
C HIS A 260 11.34 -5.80 -13.85
N GLN A 261 10.28 -5.09 -13.46
CA GLN A 261 9.76 -3.97 -14.24
C GLN A 261 9.22 -2.90 -13.31
N TYR A 262 9.26 -1.66 -13.78
CA TYR A 262 8.51 -0.60 -13.11
C TYR A 262 7.02 -0.91 -13.20
N SER A 263 6.25 -0.45 -12.19
CA SER A 263 4.86 -0.91 -12.07
C SER A 263 3.97 -0.34 -13.18
N ASP A 264 4.22 0.90 -13.62
CA ASP A 264 3.43 1.44 -14.74
C ASP A 264 3.74 0.70 -16.05
N GLU A 265 5.02 0.37 -16.27
CA GLU A 265 5.39 -0.40 -17.44
C GLU A 265 4.74 -1.78 -17.43
N PHE A 266 4.74 -2.43 -16.26
CA PHE A 266 4.08 -3.71 -16.11
C PHE A 266 2.59 -3.61 -16.43
N ALA A 267 1.93 -2.57 -15.92
CA ALA A 267 0.52 -2.35 -16.24
C ALA A 267 0.32 -2.23 -17.74
N GLU A 268 1.12 -1.38 -18.41
CA GLU A 268 0.97 -1.22 -19.86
C GLU A 268 1.16 -2.54 -20.59
N GLN A 269 2.22 -3.28 -20.25
CA GLN A 269 2.53 -4.51 -20.97
C GLN A 269 1.46 -5.57 -20.75
N LEU A 270 0.94 -5.68 -19.52
CA LEU A 270 -0.05 -6.71 -19.22
C LEU A 270 -1.39 -6.38 -19.86
N VAL A 271 -1.78 -5.10 -19.82
CA VAL A 271 -3.03 -4.65 -20.44
C VAL A 271 -3.03 -4.99 -21.92
N GLU A 272 -1.90 -4.83 -22.58
CA GLU A 272 -2.03 -5.06 -23.99
C GLU A 272 -1.73 -6.51 -24.33
N GLU A 273 -1.06 -7.26 -23.44
CA GLU A 273 -1.04 -8.72 -23.58
C GLU A 273 -2.44 -9.30 -23.39
N LEU A 274 -3.24 -8.74 -22.49
CA LEU A 274 -4.59 -9.22 -22.27
C LEU A 274 -5.56 -8.74 -23.35
N GLY A 275 -5.16 -7.76 -24.16
CA GLY A 275 -6.07 -7.20 -25.15
C GLY A 275 -7.04 -6.19 -24.60
N TRP A 276 -6.71 -5.53 -23.47
CA TRP A 276 -7.62 -4.64 -22.77
C TRP A 276 -7.25 -3.18 -22.97
N GLN A 277 -6.55 -2.84 -24.05
CA GLN A 277 -6.06 -1.47 -24.23
C GLN A 277 -7.21 -0.48 -24.30
N GLU A 278 -8.23 -0.79 -25.11
CA GLU A 278 -9.28 0.20 -25.34
C GLU A 278 -10.05 0.51 -24.06
N ASP A 279 -10.37 -0.52 -23.27
CA ASP A 279 -10.98 -0.28 -21.97
C ASP A 279 -10.04 0.49 -21.04
N PHE A 280 -8.74 0.16 -21.08
CA PHE A 280 -7.78 0.81 -20.21
C PHE A 280 -7.65 2.30 -20.54
N GLU A 281 -7.60 2.62 -21.83
CA GLU A 281 -7.45 4.02 -22.22
C GLU A 281 -8.66 4.86 -21.85
N LYS A 282 -9.87 4.29 -21.95
CA LYS A 282 -11.06 4.97 -21.47
C LYS A 282 -10.97 5.30 -19.98
N ILE A 283 -10.50 4.35 -19.17
CA ILE A 283 -10.31 4.61 -17.74
C ILE A 283 -9.28 5.71 -17.53
N LEU A 284 -8.17 5.64 -18.25
CA LEU A 284 -7.09 6.61 -18.11
C LEU A 284 -7.56 8.01 -18.49
N THR A 285 -8.47 8.12 -19.45
CA THR A 285 -9.03 9.41 -19.86
C THR A 285 -10.32 9.69 -19.11
N ALA A 286 -10.19 9.85 -17.79
CA ALA A 286 -11.25 10.33 -16.94
C ALA A 286 -10.66 10.57 -15.56
N THR B 2 -3.37 -8.07 18.18
CA THR B 2 -2.36 -9.01 17.74
C THR B 2 -1.13 -8.32 17.16
N ALA B 3 -1.11 -8.25 15.84
CA ALA B 3 0.12 -7.96 15.11
C ALA B 3 0.45 -6.47 15.11
N ARG B 4 1.64 -6.20 15.61
CA ARG B 4 2.43 -4.96 15.57
C ARG B 4 3.48 -4.68 14.46
C4 LBZ B 5 3.13 5.60 7.20
C5 LBZ B 5 3.09 5.83 5.83
C6 LBZ B 5 3.48 4.85 4.94
C11 LBZ B 5 3.72 -1.71 12.26
C7 LBZ B 5 4.46 2.08 7.32
C8 LBZ B 5 4.57 0.34 9.08
C9 LBZ B 5 3.78 -0.14 10.28
C10 LBZ B 5 4.43 -1.34 10.96
N1 LBZ B 5 4.05 1.61 8.63
C3 LBZ B 5 3.56 4.39 7.68
N LBZ B 5 3.48 -3.44 13.99
CA LBZ B 5 4.27 -3.02 12.84
C LBZ B 5 5.74 -2.82 13.18
O LBZ B 5 6.08 -2.19 14.13
C1 LBZ B 5 3.92 3.64 5.42
C2 LBZ B 5 3.97 3.41 6.79
O1 LBZ B 5 5.18 1.40 6.65
N SER B 6 6.60 -3.39 12.34
CA SER B 6 8.03 -3.37 12.58
C SER B 6 8.85 -3.64 11.32
N THR B 7 10.15 -3.32 11.39
CA THR B 7 11.12 -3.74 10.38
C THR B 7 11.71 -5.10 10.67
N GLY B 8 11.65 -5.56 11.92
CA GLY B 8 12.11 -6.89 12.26
C GLY B 8 11.03 -7.90 12.00
N GLY B 9 11.18 -9.08 12.61
CA GLY B 9 10.16 -10.08 12.45
C GLY B 9 10.46 -11.45 13.02
N LYS B 10 10.63 -12.42 12.14
CA LYS B 10 10.51 -13.83 12.49
C LYS B 10 11.64 -14.32 13.39
ZN ZN C . -6.27 9.81 25.04
#